data_5L4V
#
_entry.id   5L4V
#
_cell.length_a   44.940
_cell.length_b   95.340
_cell.length_c   70.730
_cell.angle_alpha   90.00
_cell.angle_beta   105.02
_cell.angle_gamma   90.00
#
_symmetry.space_group_name_H-M   'P 1 21 1'
#
loop_
_entity.id
_entity.type
_entity.pdbx_description
1 polymer 'Protein FimH'
2 non-polymer 'heptyl 3-deoxy-alpha-D-mannopyranoside'
3 water water
#
_entity_poly.entity_id   1
_entity_poly.type   'polypeptide(L)'
_entity_poly.pdbx_seq_one_letter_code
;FACKTANGTAIPIGGGSANVYVNLAPVVNVGQNLVVDLSTQIFCHNDYPETITDYVTLQRGSAYGGVLSNFSGTVKYSGS
SYPFPTTSETPRVVYNSRTDKPWPVALYLTPVSSAGGVAIKAGSLIAVLILRQTNNYNSDDFQFVWNIYANNDVVVPT
;
_entity_poly.pdbx_strand_id   A,B,C
#
# COMPACT_ATOMS: atom_id res chain seq x y z
N PHE A 1 36.57 6.17 2.09
CA PHE A 1 35.43 6.74 1.38
C PHE A 1 34.93 8.00 2.05
N ALA A 2 34.78 9.08 1.26
CA ALA A 2 34.27 10.36 1.74
C ALA A 2 33.58 11.12 0.60
N CYS A 3 32.77 12.14 0.94
CA CYS A 3 32.02 12.91 -0.04
C CYS A 3 32.19 14.39 0.17
N LYS A 4 31.80 15.17 -0.85
CA LYS A 4 31.81 16.62 -0.78
C LYS A 4 30.75 17.20 -1.72
N THR A 5 30.32 18.43 -1.43
CA THR A 5 29.36 19.14 -2.27
C THR A 5 30.11 19.99 -3.29
N ALA A 6 29.37 20.57 -4.26
CA ALA A 6 29.93 21.43 -5.30
C ALA A 6 30.64 22.66 -4.69
N ASN A 7 30.19 23.15 -3.49
CA ASN A 7 30.82 24.31 -2.84
C ASN A 7 31.96 23.90 -1.86
N GLY A 8 32.34 22.61 -1.86
CA GLY A 8 33.44 22.11 -1.03
C GLY A 8 33.11 21.58 0.35
N THR A 9 31.82 21.65 0.78
CA THR A 9 31.34 21.14 2.08
C THR A 9 31.52 19.62 2.09
N ALA A 10 32.24 19.11 3.08
CA ALA A 10 32.55 17.68 3.07
C ALA A 10 31.97 16.87 4.21
N ILE A 11 31.80 15.58 3.95
CA ILE A 11 31.43 14.56 4.92
C ILE A 11 32.61 13.56 4.89
N PRO A 12 33.38 13.43 5.98
CA PRO A 12 34.57 12.55 5.94
C PRO A 12 34.27 11.07 6.14
N ILE A 13 35.34 10.27 6.23
CA ILE A 13 35.33 8.83 6.52
C ILE A 13 34.48 8.61 7.78
N GLY A 14 33.56 7.64 7.72
CA GLY A 14 32.67 7.33 8.82
C GLY A 14 31.30 7.95 8.72
N GLY A 15 31.10 8.81 7.72
CA GLY A 15 29.83 9.48 7.47
C GLY A 15 29.56 10.70 8.33
N GLY A 16 28.30 11.12 8.32
CA GLY A 16 27.81 12.30 9.01
C GLY A 16 26.74 13.00 8.19
N SER A 17 26.64 14.32 8.33
CA SER A 17 25.63 15.10 7.61
C SER A 17 26.17 16.41 7.05
N ALA A 18 25.49 16.95 6.02
CA ALA A 18 25.83 18.21 5.34
C ALA A 18 24.60 18.82 4.69
N ASN A 19 24.59 20.16 4.58
CA ASN A 19 23.52 20.88 3.92
C ASN A 19 23.92 21.13 2.46
N VAL A 20 22.97 20.95 1.55
CA VAL A 20 23.11 21.16 0.11
C VAL A 20 22.08 22.20 -0.28
N TYR A 21 22.53 23.32 -0.84
CA TYR A 21 21.63 24.39 -1.28
C TYR A 21 21.55 24.33 -2.79
N VAL A 22 20.32 24.09 -3.31
CA VAL A 22 20.10 23.88 -4.74
C VAL A 22 19.30 24.99 -5.40
N ASN A 23 19.75 25.36 -6.60
CA ASN A 23 19.06 26.33 -7.45
C ASN A 23 17.97 25.56 -8.18
N LEU A 24 16.75 26.11 -8.17
CA LEU A 24 15.63 25.43 -8.81
C LEU A 24 15.03 26.28 -9.91
N ALA A 25 14.45 25.61 -10.93
CA ALA A 25 13.74 26.31 -12.00
C ALA A 25 12.67 27.21 -11.36
N PRO A 26 12.60 28.51 -11.71
CA PRO A 26 11.65 29.40 -11.02
C PRO A 26 10.17 29.11 -11.32
N VAL A 27 9.87 28.49 -12.47
CA VAL A 27 8.49 28.22 -12.91
C VAL A 27 8.30 26.76 -13.32
N VAL A 28 7.25 26.10 -12.79
CA VAL A 28 6.94 24.71 -13.15
C VAL A 28 5.44 24.59 -13.36
N ASN A 29 5.04 24.30 -14.59
CA ASN A 29 3.62 24.11 -14.89
C ASN A 29 3.18 22.72 -14.53
N VAL A 30 1.87 22.54 -14.26
CA VAL A 30 1.30 21.21 -14.02
C VAL A 30 1.54 20.44 -15.33
N GLY A 31 2.00 19.19 -15.21
CA GLY A 31 2.34 18.37 -16.37
C GLY A 31 3.81 18.42 -16.74
N GLN A 32 4.60 19.27 -16.04
CA GLN A 32 6.05 19.39 -16.26
C GLN A 32 6.80 18.92 -15.03
N ASN A 33 8.09 18.62 -15.21
CA ASN A 33 8.94 18.16 -14.12
C ASN A 33 9.90 19.22 -13.66
N LEU A 34 10.04 19.33 -12.34
CA LEU A 34 11.05 20.12 -11.69
C LEU A 34 12.17 19.13 -11.44
N VAL A 35 13.33 19.34 -12.08
CA VAL A 35 14.45 18.42 -11.95
C VAL A 35 15.42 18.93 -10.89
N VAL A 36 15.72 18.09 -9.89
CA VAL A 36 16.69 18.39 -8.84
C VAL A 36 17.82 17.38 -9.05
N ASP A 37 18.81 17.75 -9.87
CA ASP A 37 19.91 16.86 -10.20
C ASP A 37 21.04 17.01 -9.19
N LEU A 38 21.15 16.04 -8.27
CA LEU A 38 22.18 16.06 -7.23
C LEU A 38 23.53 15.54 -7.75
N SER A 39 23.58 14.92 -8.97
CA SER A 39 24.83 14.39 -9.54
C SER A 39 25.82 15.52 -9.87
N THR A 40 25.37 16.77 -9.94
CA THR A 40 26.25 17.91 -10.19
C THR A 40 26.62 18.59 -8.87
N GLN A 41 26.04 18.10 -7.76
CA GLN A 41 26.19 18.69 -6.42
C GLN A 41 26.93 17.81 -5.42
N ILE A 42 26.78 16.48 -5.50
CA ILE A 42 27.37 15.54 -4.53
C ILE A 42 28.35 14.60 -5.23
N PHE A 43 29.60 14.57 -4.74
CA PHE A 43 30.71 13.79 -5.30
C PHE A 43 31.39 12.96 -4.22
N CYS A 44 31.72 11.71 -4.55
CA CYS A 44 32.33 10.74 -3.61
C CYS A 44 33.55 10.11 -4.24
N HIS A 45 34.40 9.50 -3.39
CA HIS A 45 35.58 8.78 -3.85
C HIS A 45 35.92 7.65 -2.87
N ASN A 46 36.63 6.65 -3.40
CA ASN A 46 37.17 5.51 -2.66
C ASN A 46 38.59 5.90 -2.22
N ASP A 47 38.92 5.77 -0.92
CA ASP A 47 40.23 6.14 -0.36
C ASP A 47 41.30 5.03 -0.45
N TYR A 48 40.91 3.80 -0.80
CA TYR A 48 41.83 2.65 -0.86
C TYR A 48 41.40 1.70 -2.00
N PRO A 49 41.33 2.19 -3.28
CA PRO A 49 40.83 1.32 -4.37
C PRO A 49 41.74 0.15 -4.72
N GLU A 50 43.01 0.17 -4.28
CA GLU A 50 43.99 -0.90 -4.50
C GLU A 50 43.55 -2.20 -3.82
N THR A 51 42.85 -2.07 -2.67
CA THR A 51 42.42 -3.22 -1.87
C THR A 51 40.90 -3.27 -1.66
N ILE A 52 40.22 -2.12 -1.57
CA ILE A 52 38.79 -2.10 -1.26
C ILE A 52 37.90 -1.60 -2.39
N THR A 53 36.74 -2.24 -2.54
CA THR A 53 35.65 -1.82 -3.42
C THR A 53 34.57 -1.27 -2.51
N ASP A 54 34.11 -0.05 -2.78
CA ASP A 54 33.05 0.59 -2.00
C ASP A 54 31.72 0.46 -2.73
N TYR A 55 30.64 0.23 -1.96
CA TYR A 55 29.27 0.08 -2.45
C TYR A 55 28.41 1.18 -1.87
N VAL A 56 27.69 1.88 -2.74
CA VAL A 56 26.88 3.03 -2.36
C VAL A 56 25.44 2.90 -2.86
N THR A 57 24.48 3.09 -1.94
CA THR A 57 23.06 3.08 -2.25
C THR A 57 22.43 4.38 -1.80
N LEU A 58 21.23 4.63 -2.32
CA LEU A 58 20.34 5.64 -1.79
C LEU A 58 19.49 4.81 -0.82
N GLN A 59 19.82 4.88 0.47
CA GLN A 59 19.12 4.07 1.46
C GLN A 59 17.67 4.55 1.63
N ARG A 60 17.48 5.88 1.68
CA ARG A 60 16.16 6.49 1.74
C ARG A 60 16.21 7.97 1.35
N GLY A 61 15.09 8.42 0.79
CA GLY A 61 14.82 9.77 0.35
C GLY A 61 13.48 10.22 0.91
N SER A 62 13.49 11.31 1.68
CA SER A 62 12.28 11.86 2.29
C SER A 62 12.00 13.26 1.74
N ALA A 63 10.72 13.63 1.60
CA ALA A 63 10.29 14.94 1.10
C ALA A 63 9.76 15.79 2.25
N TYR A 64 9.98 17.11 2.15
CA TYR A 64 9.60 18.09 3.16
C TYR A 64 9.01 19.35 2.54
N GLY A 65 8.34 20.15 3.38
CA GLY A 65 7.72 21.42 3.03
C GLY A 65 6.90 21.38 1.77
N GLY A 66 7.21 22.30 0.86
CA GLY A 66 6.55 22.45 -0.43
C GLY A 66 6.63 21.23 -1.33
N VAL A 67 7.74 20.48 -1.26
CA VAL A 67 7.93 19.29 -2.09
C VAL A 67 6.94 18.19 -1.64
N LEU A 68 6.83 17.94 -0.33
CA LEU A 68 5.88 16.97 0.21
C LEU A 68 4.43 17.41 -0.08
N SER A 69 4.12 18.70 0.11
CA SER A 69 2.78 19.24 -0.05
C SER A 69 2.29 19.37 -1.49
N ASN A 70 3.14 19.84 -2.41
CA ASN A 70 2.71 20.23 -3.73
C ASN A 70 3.22 19.41 -4.91
N PHE A 71 4.03 18.38 -4.68
CA PHE A 71 4.62 17.61 -5.77
C PHE A 71 4.45 16.10 -5.59
N SER A 72 4.45 15.40 -6.72
CA SER A 72 4.44 13.95 -6.89
C SER A 72 5.83 13.63 -7.40
N GLY A 73 6.59 12.86 -6.62
CA GLY A 73 7.98 12.62 -6.97
C GLY A 73 8.43 11.25 -7.42
N THR A 74 9.53 11.26 -8.17
CA THR A 74 10.27 10.11 -8.67
C THR A 74 11.74 10.41 -8.40
N VAL A 75 12.51 9.39 -8.04
CA VAL A 75 13.94 9.50 -7.86
C VAL A 75 14.60 8.57 -8.87
N LYS A 76 15.54 9.11 -9.65
CA LYS A 76 16.34 8.34 -10.59
C LYS A 76 17.69 8.08 -9.92
N TYR A 77 18.04 6.80 -9.74
CA TYR A 77 19.32 6.41 -9.15
C TYR A 77 20.04 5.50 -10.11
N SER A 78 21.18 5.98 -10.63
CA SER A 78 22.04 5.28 -11.58
C SER A 78 21.23 4.67 -12.76
N GLY A 79 20.41 5.51 -13.38
CA GLY A 79 19.61 5.15 -14.55
C GLY A 79 18.26 4.48 -14.33
N SER A 80 17.89 4.16 -13.08
CA SER A 80 16.61 3.52 -12.76
C SER A 80 15.73 4.42 -11.93
N SER A 81 14.39 4.35 -12.13
CA SER A 81 13.43 5.19 -11.43
C SER A 81 12.69 4.46 -10.32
N TYR A 82 12.44 5.19 -9.21
CA TYR A 82 11.78 4.67 -8.02
C TYR A 82 10.85 5.74 -7.45
N PRO A 83 9.82 5.37 -6.64
CA PRO A 83 8.99 6.42 -6.03
C PRO A 83 9.81 7.30 -5.09
N PHE A 84 9.41 8.56 -4.95
CA PHE A 84 10.02 9.52 -4.05
C PHE A 84 8.89 10.31 -3.36
N PRO A 85 8.75 10.30 -2.00
CA PRO A 85 9.57 9.63 -0.98
C PRO A 85 9.74 8.14 -1.25
N THR A 86 10.93 7.62 -0.92
CA THR A 86 11.34 6.25 -1.20
C THR A 86 10.64 5.21 -0.32
N THR A 87 10.48 3.99 -0.90
CA THR A 87 9.83 2.84 -0.25
C THR A 87 10.80 1.66 -0.05
N SER A 88 12.03 1.76 -0.61
CA SER A 88 13.06 0.73 -0.47
C SER A 88 14.44 1.30 -0.79
N GLU A 89 15.48 0.61 -0.28
CA GLU A 89 16.87 0.92 -0.56
C GLU A 89 17.15 0.53 -2.01
N THR A 90 17.88 1.36 -2.74
CA THR A 90 18.22 1.08 -4.14
C THR A 90 19.32 0.02 -4.25
N PRO A 91 19.59 -0.53 -5.47
CA PRO A 91 20.78 -1.37 -5.63
C PRO A 91 22.05 -0.52 -5.45
N ARG A 92 23.19 -1.19 -5.31
CA ARG A 92 24.48 -0.57 -5.07
C ARG A 92 25.16 -0.04 -6.32
N VAL A 93 25.89 1.07 -6.16
CA VAL A 93 26.76 1.68 -7.17
C VAL A 93 28.19 1.42 -6.66
N VAL A 94 29.08 0.98 -7.54
CA VAL A 94 30.47 0.69 -7.20
C VAL A 94 31.31 1.97 -7.29
N TYR A 95 32.11 2.24 -6.25
CA TYR A 95 33.10 3.32 -6.21
C TYR A 95 34.45 2.64 -6.09
N ASN A 96 35.27 2.72 -7.16
CA ASN A 96 36.55 2.02 -7.22
C ASN A 96 37.69 2.94 -7.67
N SER A 97 37.55 4.25 -7.39
CA SER A 97 38.54 5.24 -7.80
C SER A 97 38.67 6.38 -6.79
N ARG A 98 39.88 6.95 -6.70
CA ARG A 98 40.20 8.11 -5.85
C ARG A 98 39.66 9.40 -6.46
N THR A 99 39.38 9.36 -7.78
CA THR A 99 38.82 10.52 -8.50
C THR A 99 37.38 10.73 -8.02
N ASP A 100 37.04 11.99 -7.67
CA ASP A 100 35.69 12.38 -7.25
C ASP A 100 34.72 12.05 -8.35
N LYS A 101 33.73 11.21 -8.02
CA LYS A 101 32.73 10.74 -8.97
C LYS A 101 31.34 11.17 -8.47
N PRO A 102 30.45 11.61 -9.38
CA PRO A 102 29.11 12.04 -8.93
C PRO A 102 28.28 10.96 -8.24
N TRP A 103 27.46 11.37 -7.27
CA TRP A 103 26.48 10.48 -6.65
C TRP A 103 25.28 10.52 -7.61
N PRO A 104 24.94 9.43 -8.36
CA PRO A 104 23.96 9.56 -9.44
C PRO A 104 22.48 9.60 -9.01
N VAL A 105 22.09 10.67 -8.28
CA VAL A 105 20.74 10.93 -7.78
C VAL A 105 20.15 12.16 -8.46
N ALA A 106 18.90 12.04 -8.90
CA ALA A 106 18.13 13.14 -9.48
C ALA A 106 16.66 12.97 -9.13
N LEU A 107 16.04 14.04 -8.60
CA LEU A 107 14.63 14.05 -8.25
C LEU A 107 13.84 14.65 -9.39
N TYR A 108 12.71 14.02 -9.73
CA TYR A 108 11.77 14.47 -10.78
C TYR A 108 10.46 14.73 -10.08
N LEU A 109 10.12 16.01 -9.89
CA LEU A 109 8.93 16.42 -9.14
C LEU A 109 7.92 17.15 -10.03
N THR A 110 6.72 16.58 -10.14
CA THR A 110 5.67 17.18 -10.96
C THR A 110 4.57 17.72 -10.04
N PRO A 111 4.03 18.93 -10.29
CA PRO A 111 3.01 19.48 -9.38
C PRO A 111 1.74 18.63 -9.32
N VAL A 112 1.19 18.50 -8.10
CA VAL A 112 -0.09 17.82 -7.89
C VAL A 112 -1.17 18.78 -8.44
N SER A 113 -2.39 18.27 -8.70
CA SER A 113 -3.47 19.09 -9.27
C SER A 113 -3.87 20.31 -8.40
N SER A 114 -3.73 20.20 -7.05
CA SER A 114 -4.05 21.29 -6.12
C SER A 114 -2.97 22.39 -6.08
N ALA A 115 -1.76 22.15 -6.63
CA ALA A 115 -0.66 23.11 -6.61
C ALA A 115 -0.94 24.36 -7.49
N GLY A 116 -0.55 25.51 -6.96
CA GLY A 116 -0.69 26.81 -7.60
C GLY A 116 -0.07 27.89 -6.74
N GLY A 117 0.66 28.79 -7.38
CA GLY A 117 1.36 29.86 -6.68
C GLY A 117 2.74 29.44 -6.22
N VAL A 118 3.22 29.98 -5.08
CA VAL A 118 4.53 29.64 -4.54
C VAL A 118 4.46 28.22 -3.94
N ALA A 119 4.91 27.22 -4.71
CA ALA A 119 4.87 25.81 -4.34
C ALA A 119 6.07 25.37 -3.49
N ILE A 120 7.22 26.05 -3.63
CA ILE A 120 8.45 25.82 -2.85
C ILE A 120 8.97 27.17 -2.40
N LYS A 121 9.26 27.33 -1.10
CA LYS A 121 9.77 28.58 -0.55
C LYS A 121 11.29 28.59 -0.49
N ALA A 122 11.90 29.74 -0.85
CA ALA A 122 13.35 29.93 -0.75
C ALA A 122 13.82 29.68 0.68
N GLY A 123 14.92 28.94 0.83
CA GLY A 123 15.51 28.61 2.13
C GLY A 123 14.90 27.44 2.87
N SER A 124 13.81 26.86 2.35
CA SER A 124 13.14 25.75 3.00
C SER A 124 13.80 24.41 2.72
N LEU A 125 13.63 23.45 3.66
CA LEU A 125 14.08 22.08 3.50
C LEU A 125 13.13 21.41 2.52
N ILE A 126 13.67 20.81 1.45
CA ILE A 126 12.83 20.16 0.44
C ILE A 126 13.00 18.63 0.47
N ALA A 127 14.16 18.15 0.93
CA ALA A 127 14.45 16.72 0.96
C ALA A 127 15.60 16.35 1.89
N VAL A 128 15.60 15.09 2.34
CA VAL A 128 16.69 14.47 3.11
C VAL A 128 17.03 13.19 2.36
N LEU A 129 18.26 13.08 1.86
CA LEU A 129 18.72 11.91 1.13
C LEU A 129 19.83 11.21 1.90
N ILE A 130 19.64 9.92 2.18
CA ILE A 130 20.62 9.14 2.93
C ILE A 130 21.41 8.24 1.98
N LEU A 131 22.71 8.53 1.90
CA LEU A 131 23.68 7.74 1.15
C LEU A 131 24.21 6.70 2.11
N ARG A 132 24.06 5.41 1.77
CA ARG A 132 24.59 4.35 2.63
C ARG A 132 25.80 3.73 1.94
N GLN A 133 26.95 3.75 2.64
CA GLN A 133 28.20 3.21 2.12
C GLN A 133 28.70 2.00 2.90
N THR A 134 28.97 0.92 2.18
CA THR A 134 29.53 -0.33 2.67
C THR A 134 30.72 -0.67 1.77
N ASN A 135 31.34 -1.85 1.98
CA ASN A 135 32.49 -2.28 1.18
C ASN A 135 32.59 -3.82 1.13
N ASN A 136 33.62 -4.34 0.43
CA ASN A 136 33.89 -5.79 0.31
C ASN A 136 35.10 -6.17 1.18
N TYR A 137 35.40 -5.34 2.20
CA TYR A 137 36.61 -5.49 3.02
C TYR A 137 36.33 -5.81 4.50
N ASN A 138 35.47 -5.04 5.16
CA ASN A 138 35.16 -5.26 6.57
C ASN A 138 33.66 -5.00 6.83
N SER A 139 33.28 -4.68 8.09
CA SER A 139 31.91 -4.44 8.51
C SER A 139 31.51 -2.95 8.46
N ASP A 140 32.34 -2.09 7.81
CA ASP A 140 32.04 -0.66 7.70
C ASP A 140 30.71 -0.43 6.98
N ASP A 141 29.80 0.30 7.64
CA ASP A 141 28.45 0.59 7.17
C ASP A 141 28.12 2.00 7.67
N PHE A 142 28.22 2.99 6.76
CA PHE A 142 28.06 4.40 7.13
C PHE A 142 26.98 5.15 6.37
N GLN A 143 26.37 6.11 7.07
CA GLN A 143 25.34 6.96 6.50
C GLN A 143 25.88 8.35 6.29
N PHE A 144 25.74 8.85 5.06
CA PHE A 144 26.09 10.21 4.63
C PHE A 144 24.73 10.88 4.37
N VAL A 145 24.33 11.76 5.29
CA VAL A 145 23.01 12.40 5.30
C VAL A 145 23.08 13.79 4.62
N TRP A 146 22.35 13.92 3.52
CA TRP A 146 22.32 15.15 2.73
C TRP A 146 20.99 15.89 2.93
N ASN A 147 21.04 17.07 3.58
CA ASN A 147 19.86 17.92 3.81
C ASN A 147 19.79 18.90 2.65
N ILE A 148 18.76 18.75 1.81
CA ILE A 148 18.59 19.54 0.58
C ILE A 148 17.68 20.74 0.84
N TYR A 149 18.20 21.95 0.59
CA TYR A 149 17.48 23.21 0.75
C TYR A 149 17.32 23.95 -0.57
N ALA A 150 16.15 24.57 -0.78
CA ALA A 150 15.84 25.38 -1.95
C ALA A 150 16.56 26.72 -1.84
N ASN A 151 17.25 27.16 -2.90
CA ASN A 151 17.90 28.47 -2.90
C ASN A 151 16.95 29.59 -3.29
N ASN A 152 15.82 29.21 -3.93
CA ASN A 152 14.83 30.16 -4.45
C ASN A 152 13.41 29.62 -4.42
N ASP A 153 12.43 30.53 -4.56
CA ASP A 153 11.01 30.18 -4.66
C ASP A 153 10.74 29.47 -5.97
N VAL A 154 9.73 28.60 -6.00
CA VAL A 154 9.29 27.90 -7.20
C VAL A 154 7.81 28.16 -7.35
N VAL A 155 7.42 28.76 -8.48
CA VAL A 155 6.04 29.12 -8.77
C VAL A 155 5.40 28.11 -9.72
N VAL A 156 4.19 27.64 -9.36
CA VAL A 156 3.35 26.81 -10.21
C VAL A 156 2.26 27.75 -10.78
N PRO A 157 2.32 28.15 -12.08
CA PRO A 157 1.31 29.08 -12.61
C PRO A 157 -0.11 28.55 -12.52
N THR A 158 -1.07 29.48 -12.39
CA THR A 158 -2.51 29.21 -12.30
C THR A 158 -3.25 29.79 -13.50
N PHE B 1 -28.53 12.67 -11.21
CA PHE B 1 -27.36 12.00 -10.67
C PHE B 1 -27.12 12.34 -9.21
N ALA B 2 -26.93 11.31 -8.39
CA ALA B 2 -26.65 11.46 -6.96
C ALA B 2 -25.85 10.28 -6.45
N CYS B 3 -25.26 10.41 -5.26
CA CYS B 3 -24.44 9.37 -4.65
C CYS B 3 -24.81 9.14 -3.21
N LYS B 4 -24.37 8.00 -2.68
CA LYS B 4 -24.55 7.66 -1.27
C LYS B 4 -23.43 6.74 -0.79
N THR B 5 -23.20 6.73 0.53
CA THR B 5 -22.20 5.86 1.14
C THR B 5 -22.87 4.56 1.56
N ALA B 6 -22.06 3.55 1.96
CA ALA B 6 -22.53 2.24 2.42
C ALA B 6 -23.47 2.38 3.64
N ASN B 7 -23.26 3.42 4.51
CA ASN B 7 -24.10 3.66 5.68
C ASN B 7 -25.33 4.60 5.38
N GLY B 8 -25.57 4.90 4.11
CA GLY B 8 -26.72 5.70 3.70
C GLY B 8 -26.55 7.21 3.60
N THR B 9 -25.36 7.75 3.97
CA THR B 9 -25.04 9.20 3.87
C THR B 9 -25.06 9.59 2.41
N ALA B 10 -25.87 10.58 2.04
CA ALA B 10 -26.02 10.91 0.64
C ALA B 10 -25.57 12.30 0.25
N ILE B 11 -25.20 12.45 -1.03
CA ILE B 11 -24.90 13.72 -1.70
C ILE B 11 -25.93 13.80 -2.83
N PRO B 12 -26.88 14.76 -2.77
CA PRO B 12 -27.94 14.79 -3.80
C PRO B 12 -27.53 15.46 -5.11
N ILE B 13 -28.52 15.60 -6.03
CA ILE B 13 -28.38 16.30 -7.32
C ILE B 13 -27.76 17.67 -7.04
N GLY B 14 -26.75 18.03 -7.83
CA GLY B 14 -26.06 19.31 -7.70
C GLY B 14 -24.77 19.24 -6.91
N GLY B 15 -24.46 18.07 -6.35
CA GLY B 15 -23.24 17.84 -5.60
C GLY B 15 -23.25 18.33 -4.17
N GLY B 16 -22.05 18.38 -3.60
CA GLY B 16 -21.82 18.77 -2.22
C GLY B 16 -20.72 17.94 -1.60
N SER B 17 -20.77 17.73 -0.28
CA SER B 17 -19.75 16.96 0.45
C SER B 17 -20.36 15.95 1.42
N ALA B 18 -19.58 14.90 1.72
CA ALA B 18 -19.94 13.85 2.70
C ALA B 18 -18.69 13.22 3.30
N ASN B 19 -18.82 12.76 4.53
CA ASN B 19 -17.74 12.08 5.22
C ASN B 19 -17.90 10.58 5.03
N VAL B 20 -16.78 9.89 4.82
CA VAL B 20 -16.70 8.44 4.64
C VAL B 20 -15.74 7.93 5.70
N TYR B 21 -16.21 7.04 6.57
CA TYR B 21 -15.39 6.47 7.64
C TYR B 21 -15.01 5.06 7.24
N VAL B 22 -13.70 4.80 7.11
CA VAL B 22 -13.21 3.53 6.61
C VAL B 22 -12.41 2.72 7.65
N ASN B 23 -12.66 1.41 7.68
CA ASN B 23 -11.89 0.48 8.51
C ASN B 23 -10.63 0.16 7.76
N LEU B 24 -9.49 0.22 8.44
CA LEU B 24 -8.21 -0.02 7.78
C LEU B 24 -7.48 -1.18 8.42
N ALA B 25 -6.67 -1.92 7.61
CA ALA B 25 -5.86 -3.02 8.12
C ALA B 25 -5.05 -2.49 9.30
N PRO B 26 -5.10 -3.18 10.46
CA PRO B 26 -4.41 -2.64 11.66
C PRO B 26 -2.89 -2.62 11.58
N VAL B 27 -2.29 -3.54 10.80
CA VAL B 27 -0.84 -3.69 10.68
C VAL B 27 -0.43 -3.72 9.22
N VAL B 28 0.49 -2.81 8.83
CA VAL B 28 1.01 -2.73 7.46
C VAL B 28 2.52 -2.64 7.51
N ASN B 29 3.21 -3.66 7.01
CA ASN B 29 4.66 -3.65 6.98
C ASN B 29 5.16 -2.87 5.79
N VAL B 30 6.42 -2.39 5.87
CA VAL B 30 7.08 -1.76 4.73
C VAL B 30 7.15 -2.87 3.66
N GLY B 31 6.80 -2.54 2.43
CA GLY B 31 6.77 -3.52 1.35
C GLY B 31 5.38 -4.08 1.09
N GLN B 32 4.39 -3.73 1.93
CA GLN B 32 3.01 -4.18 1.77
C GLN B 32 2.08 -3.00 1.47
N ASN B 33 0.93 -3.29 0.86
CA ASN B 33 -0.05 -2.26 0.54
C ASN B 33 -1.19 -2.25 1.52
N LEU B 34 -1.58 -1.04 1.91
CA LEU B 34 -2.78 -0.76 2.66
C LEU B 34 -3.78 -0.40 1.59
N VAL B 35 -4.82 -1.22 1.42
CA VAL B 35 -5.81 -1.01 0.36
C VAL B 35 -7.02 -0.29 0.97
N VAL B 36 -7.41 0.84 0.36
CA VAL B 36 -8.58 1.61 0.76
C VAL B 36 -9.54 1.52 -0.43
N ASP B 37 -10.41 0.50 -0.43
CA ASP B 37 -11.34 0.27 -1.54
C ASP B 37 -12.64 1.05 -1.31
N LEU B 38 -12.78 2.17 -2.04
CA LEU B 38 -13.97 3.02 -1.92
C LEU B 38 -15.14 2.49 -2.78
N SER B 39 -14.91 1.48 -3.68
CA SER B 39 -15.96 0.88 -4.52
C SER B 39 -17.00 0.14 -3.68
N THR B 40 -16.68 -0.20 -2.42
CA THR B 40 -17.64 -0.88 -1.54
C THR B 40 -18.31 0.16 -0.64
N GLN B 41 -17.88 1.43 -0.73
CA GLN B 41 -18.33 2.50 0.14
C GLN B 41 -19.13 3.59 -0.56
N ILE B 42 -18.83 3.91 -1.83
CA ILE B 42 -19.46 5.01 -2.56
C ILE B 42 -20.19 4.47 -3.79
N PHE B 43 -21.50 4.77 -3.90
CA PHE B 43 -22.39 4.31 -4.97
C PHE B 43 -23.14 5.48 -5.58
N CYS B 44 -23.26 5.48 -6.92
CA CYS B 44 -23.91 6.54 -7.70
C CYS B 44 -24.93 5.95 -8.66
N HIS B 45 -25.84 6.80 -9.14
CA HIS B 45 -26.83 6.43 -10.13
C HIS B 45 -27.19 7.62 -11.02
N ASN B 46 -27.68 7.33 -12.21
CA ASN B 46 -28.20 8.27 -13.19
C ASN B 46 -29.72 8.39 -12.93
N ASP B 47 -30.25 9.62 -12.80
CA ASP B 47 -31.68 9.87 -12.50
C ASP B 47 -32.58 9.97 -13.74
N TYR B 48 -32.00 10.00 -14.94
CA TYR B 48 -32.76 10.15 -16.18
C TYR B 48 -32.03 9.39 -17.31
N PRO B 49 -31.76 8.06 -17.18
CA PRO B 49 -31.00 7.36 -18.24
C PRO B 49 -31.75 7.19 -19.57
N GLU B 50 -33.07 7.46 -19.58
CA GLU B 50 -33.90 7.40 -20.79
C GLU B 50 -33.43 8.44 -21.81
N THR B 51 -32.89 9.58 -21.31
CA THR B 51 -32.47 10.70 -22.15
C THR B 51 -31.02 11.14 -21.89
N ILE B 52 -30.54 11.04 -20.65
CA ILE B 52 -29.22 11.55 -20.31
C ILE B 52 -28.19 10.46 -19.98
N THR B 53 -26.96 10.68 -20.46
CA THR B 53 -25.81 9.87 -20.12
C THR B 53 -24.97 10.73 -19.19
N ASP B 54 -24.60 10.18 -18.02
CA ASP B 54 -23.75 10.87 -17.05
C ASP B 54 -22.31 10.41 -17.17
N TYR B 55 -21.36 11.35 -17.02
CA TYR B 55 -19.92 11.12 -17.09
C TYR B 55 -19.31 11.48 -15.77
N VAL B 56 -18.52 10.56 -15.19
CA VAL B 56 -17.94 10.72 -13.87
C VAL B 56 -16.42 10.46 -13.88
N THR B 57 -15.68 11.43 -13.33
CA THR B 57 -14.23 11.32 -13.19
C THR B 57 -13.83 11.46 -11.74
N LEU B 58 -12.59 11.08 -11.45
CA LEU B 58 -11.92 11.41 -10.21
C LEU B 58 -11.16 12.67 -10.61
N GLN B 59 -11.73 13.84 -10.27
CA GLN B 59 -11.13 15.11 -10.69
C GLN B 59 -9.80 15.34 -9.98
N ARG B 60 -9.75 15.04 -8.68
CA ARG B 60 -8.53 15.11 -7.88
C ARG B 60 -8.67 14.31 -6.58
N GLY B 61 -7.53 13.80 -6.15
CA GLY B 61 -7.35 13.04 -4.91
C GLY B 61 -6.18 13.61 -4.14
N SER B 62 -6.44 14.09 -2.92
CA SER B 62 -5.43 14.68 -2.05
C SER B 62 -5.24 13.81 -0.82
N ALA B 63 -4.00 13.75 -0.30
CA ALA B 63 -3.67 12.97 0.90
C ALA B 63 -3.44 13.90 2.06
N TYR B 64 -3.78 13.44 3.28
CA TYR B 64 -3.68 14.21 4.52
C TYR B 64 -3.14 13.37 5.66
N GLY B 65 -2.71 14.06 6.73
CA GLY B 65 -2.20 13.47 7.96
C GLY B 65 -1.18 12.37 7.75
N GLY B 66 -1.47 11.21 8.34
CA GLY B 66 -0.61 10.04 8.27
C GLY B 66 -0.38 9.48 6.88
N VAL B 67 -1.39 9.57 6.00
CA VAL B 67 -1.27 9.07 4.63
C VAL B 67 -0.28 9.94 3.86
N LEU B 68 -0.40 11.28 3.96
CA LEU B 68 0.54 12.20 3.33
C LEU B 68 1.97 12.00 3.87
N SER B 69 2.10 11.90 5.20
CA SER B 69 3.39 11.79 5.88
C SER B 69 4.10 10.45 5.74
N ASN B 70 3.38 9.33 5.83
CA ASN B 70 4.00 8.01 5.94
C ASN B 70 3.78 7.02 4.81
N PHE B 71 3.07 7.40 3.74
CA PHE B 71 2.80 6.45 2.67
C PHE B 71 3.05 7.02 1.31
N SER B 72 3.31 6.11 0.35
CA SER B 72 3.52 6.34 -1.06
C SER B 72 2.28 5.75 -1.74
N GLY B 73 1.50 6.61 -2.37
CA GLY B 73 0.21 6.21 -2.94
C GLY B 73 0.02 6.08 -4.43
N THR B 74 -0.92 5.21 -4.77
CA THR B 74 -1.41 4.95 -6.11
C THR B 74 -2.91 4.92 -5.99
N VAL B 75 -3.62 5.46 -7.00
CA VAL B 75 -5.07 5.40 -7.06
C VAL B 75 -5.44 4.62 -8.33
N LYS B 76 -6.27 3.59 -8.16
CA LYS B 76 -6.82 2.80 -9.25
C LYS B 76 -8.22 3.33 -9.53
N TYR B 77 -8.45 3.82 -10.76
CA TYR B 77 -9.77 4.32 -11.18
C TYR B 77 -10.20 3.57 -12.41
N SER B 78 -11.28 2.79 -12.27
CA SER B 78 -11.88 1.99 -13.34
C SER B 78 -10.81 1.15 -14.10
N GLY B 79 -10.00 0.41 -13.34
CA GLY B 79 -8.99 -0.49 -13.88
C GLY B 79 -7.63 0.08 -14.24
N SER B 80 -7.45 1.41 -14.15
CA SER B 80 -6.17 2.06 -14.47
C SER B 80 -5.55 2.70 -13.25
N SER B 81 -4.20 2.69 -13.16
CA SER B 81 -3.48 3.26 -12.01
C SER B 81 -2.87 4.61 -12.33
N TYR B 82 -2.89 5.50 -11.31
CA TYR B 82 -2.40 6.87 -11.39
C TYR B 82 -1.71 7.24 -10.09
N PRO B 83 -0.79 8.24 -10.08
CA PRO B 83 -0.20 8.65 -8.79
C PRO B 83 -1.25 9.18 -7.83
N PHE B 84 -1.01 9.01 -6.53
CA PHE B 84 -1.87 9.53 -5.48
C PHE B 84 -0.97 10.12 -4.39
N PRO B 85 -1.06 11.44 -4.04
CA PRO B 85 -1.96 12.49 -4.56
C PRO B 85 -1.90 12.62 -6.08
N THR B 86 -3.07 12.91 -6.69
CA THR B 86 -3.28 12.95 -8.14
C THR B 86 -2.61 14.16 -8.82
N THR B 87 -2.25 13.98 -10.09
CA THR B 87 -1.58 14.99 -10.92
C THR B 87 -2.44 15.41 -12.13
N SER B 88 -3.56 14.73 -12.37
CA SER B 88 -4.49 15.05 -13.46
C SER B 88 -5.83 14.41 -13.21
N GLU B 89 -6.87 14.94 -13.89
CA GLU B 89 -8.22 14.39 -13.87
C GLU B 89 -8.19 13.09 -14.67
N THR B 90 -8.84 12.05 -14.16
CA THR B 90 -8.90 10.75 -14.83
C THR B 90 -9.85 10.79 -16.03
N PRO B 91 -9.86 9.74 -16.91
CA PRO B 91 -10.90 9.66 -17.94
C PRO B 91 -12.26 9.42 -17.28
N ARG B 92 -13.32 9.56 -18.07
CA ARG B 92 -14.71 9.45 -17.62
C ARG B 92 -15.20 8.02 -17.51
N VAL B 93 -16.07 7.78 -16.52
CA VAL B 93 -16.83 6.53 -16.33
C VAL B 93 -18.27 6.89 -16.69
N VAL B 94 -18.93 6.05 -17.49
CA VAL B 94 -20.30 6.27 -17.92
C VAL B 94 -21.28 5.71 -16.87
N TYR B 95 -22.27 6.51 -16.46
CA TYR B 95 -23.36 6.11 -15.57
C TYR B 95 -24.62 6.23 -16.42
N ASN B 96 -25.24 5.09 -16.76
CA ASN B 96 -26.40 5.06 -17.66
C ASN B 96 -27.54 4.21 -17.08
N SER B 97 -27.64 4.12 -15.76
CA SER B 97 -28.68 3.33 -15.10
C SER B 97 -29.09 3.94 -13.76
N ARG B 98 -30.38 3.73 -13.39
CA ARG B 98 -30.95 4.16 -12.11
C ARG B 98 -30.46 3.26 -10.97
N THR B 99 -29.99 2.05 -11.31
CA THR B 99 -29.45 1.12 -10.34
C THR B 99 -28.13 1.66 -9.83
N ASP B 100 -27.99 1.69 -8.51
CA ASP B 100 -26.78 2.10 -7.81
C ASP B 100 -25.62 1.30 -8.34
N LYS B 101 -24.54 2.00 -8.64
CA LYS B 101 -23.34 1.40 -9.18
C LYS B 101 -22.13 1.95 -8.41
N PRO B 102 -21.14 1.10 -8.08
CA PRO B 102 -19.98 1.59 -7.31
C PRO B 102 -19.17 2.65 -8.02
N TRP B 103 -18.59 3.58 -7.25
CA TRP B 103 -17.64 4.55 -7.79
C TRP B 103 -16.31 3.79 -7.81
N PRO B 104 -15.73 3.45 -8.98
CA PRO B 104 -14.59 2.51 -8.98
C PRO B 104 -13.23 3.11 -8.61
N VAL B 105 -13.11 3.53 -7.33
CA VAL B 105 -11.89 4.12 -6.75
C VAL B 105 -11.34 3.21 -5.65
N ALA B 106 -10.02 2.99 -5.68
CA ALA B 106 -9.29 2.24 -4.65
C ALA B 106 -7.90 2.85 -4.50
N LEU B 107 -7.51 3.12 -3.25
CA LEU B 107 -6.18 3.65 -2.93
C LEU B 107 -5.28 2.52 -2.51
N TYR B 108 -4.05 2.51 -3.02
CA TYR B 108 -3.00 1.54 -2.71
C TYR B 108 -1.88 2.32 -2.07
N LEU B 109 -1.77 2.21 -0.75
CA LEU B 109 -0.81 2.97 0.05
C LEU B 109 0.24 2.06 0.68
N THR B 110 1.51 2.27 0.34
CA THR B 110 2.59 1.47 0.88
C THR B 110 3.45 2.36 1.79
N PRO B 111 3.87 1.86 2.98
CA PRO B 111 4.68 2.70 3.88
C PRO B 111 5.98 3.19 3.24
N VAL B 112 6.35 4.45 3.51
CA VAL B 112 7.64 4.99 3.08
C VAL B 112 8.70 4.36 4.02
N SER B 113 9.99 4.33 3.62
CA SER B 113 11.04 3.69 4.43
C SER B 113 11.22 4.32 5.84
N SER B 114 10.90 5.62 6.01
CA SER B 114 10.99 6.31 7.30
C SER B 114 9.81 5.96 8.25
N ALA B 115 8.72 5.36 7.73
CA ALA B 115 7.51 5.04 8.52
C ALA B 115 7.77 3.96 9.59
N GLY B 116 7.12 4.15 10.73
CA GLY B 116 7.22 3.26 11.88
C GLY B 116 6.33 3.71 13.01
N GLY B 117 5.68 2.75 13.65
CA GLY B 117 4.75 3.02 14.74
C GLY B 117 3.37 3.35 14.24
N VAL B 118 2.64 4.24 14.94
CA VAL B 118 1.29 4.64 14.54
C VAL B 118 1.41 5.58 13.32
N ALA B 119 1.23 5.02 12.10
CA ALA B 119 1.38 5.73 10.84
C ALA B 119 0.10 6.46 10.41
N ILE B 120 -1.08 6.01 10.87
CA ILE B 120 -2.40 6.63 10.63
C ILE B 120 -3.12 6.66 11.96
N LYS B 121 -3.65 7.82 12.35
CA LYS B 121 -4.39 7.97 13.61
C LYS B 121 -5.89 7.79 13.41
N ALA B 122 -6.55 7.06 14.34
CA ALA B 122 -8.01 6.88 14.35
C ALA B 122 -8.70 8.25 14.38
N GLY B 123 -9.74 8.39 13.56
CA GLY B 123 -10.53 9.62 13.44
C GLY B 123 -9.95 10.72 12.58
N SER B 124 -8.72 10.54 12.06
CA SER B 124 -8.06 11.57 11.25
C SER B 124 -8.49 11.53 9.79
N LEU B 125 -8.39 12.69 9.12
CA LEU B 125 -8.65 12.81 7.69
C LEU B 125 -7.45 12.20 6.97
N ILE B 126 -7.71 11.23 6.08
CA ILE B 126 -6.62 10.58 5.36
C ILE B 126 -6.60 10.98 3.87
N ALA B 127 -7.77 11.37 3.33
CA ALA B 127 -7.89 11.74 1.92
C ALA B 127 -9.12 12.56 1.61
N VAL B 128 -9.06 13.35 0.54
CA VAL B 128 -10.18 14.10 -0.02
C VAL B 128 -10.23 13.71 -1.49
N LEU B 129 -11.34 13.08 -1.91
CA LEU B 129 -11.53 12.65 -3.29
C LEU B 129 -12.68 13.42 -3.92
N ILE B 130 -12.41 14.08 -5.04
CA ILE B 130 -13.41 14.88 -5.74
C ILE B 130 -13.93 14.13 -6.96
N LEU B 131 -15.22 13.80 -6.91
CA LEU B 131 -15.94 13.16 -7.99
C LEU B 131 -16.53 14.29 -8.83
N ARG B 132 -16.20 14.35 -10.12
CA ARG B 132 -16.75 15.37 -10.98
C ARG B 132 -17.74 14.74 -11.94
N GLN B 133 -18.98 15.24 -11.94
CA GLN B 133 -20.04 14.71 -12.78
C GLN B 133 -20.55 15.74 -13.81
N THR B 134 -20.56 15.31 -15.07
CA THR B 134 -21.08 16.06 -16.21
C THR B 134 -22.05 15.15 -16.96
N ASN B 135 -22.57 15.61 -18.11
CA ASN B 135 -23.51 14.82 -18.91
C ASN B 135 -23.45 15.21 -20.41
N ASN B 136 -24.27 14.56 -21.24
CA ASN B 136 -24.36 14.82 -22.69
C ASN B 136 -25.66 15.60 -22.99
N TYR B 137 -26.22 16.27 -21.98
CA TYR B 137 -27.52 16.91 -22.08
C TYR B 137 -27.50 18.44 -21.93
N ASN B 138 -26.86 18.96 -20.88
CA ASN B 138 -26.81 20.40 -20.64
C ASN B 138 -25.42 20.78 -20.11
N SER B 139 -25.34 21.93 -19.40
CA SER B 139 -24.09 22.48 -18.87
C SER B 139 -23.81 22.01 -17.43
N ASP B 140 -24.63 21.07 -16.88
CA ASP B 140 -24.44 20.56 -15.51
C ASP B 140 -23.02 19.99 -15.31
N ASP B 141 -22.32 20.54 -14.31
CA ASP B 141 -20.95 20.18 -13.95
C ASP B 141 -20.84 20.30 -12.45
N PHE B 142 -20.89 19.15 -11.75
CA PHE B 142 -20.94 19.15 -10.29
C PHE B 142 -19.82 18.39 -9.62
N GLN B 143 -19.41 18.88 -8.44
CA GLN B 143 -18.38 18.25 -7.61
C GLN B 143 -19.02 17.58 -6.40
N PHE B 144 -18.73 16.29 -6.24
CA PHE B 144 -19.15 15.44 -5.12
C PHE B 144 -17.86 15.19 -4.33
N VAL B 145 -17.73 15.86 -3.18
CA VAL B 145 -16.51 15.87 -2.36
C VAL B 145 -16.61 14.83 -1.26
N TRP B 146 -15.73 13.83 -1.30
CA TRP B 146 -15.68 12.73 -0.35
C TRP B 146 -14.51 12.89 0.61
N ASN B 147 -14.82 13.17 1.89
CA ASN B 147 -13.82 13.31 2.94
C ASN B 147 -13.64 11.95 3.59
N ILE B 148 -12.49 11.33 3.38
CA ILE B 148 -12.19 9.98 3.87
C ILE B 148 -11.47 10.05 5.22
N TYR B 149 -12.08 9.40 6.24
CA TYR B 149 -11.58 9.34 7.61
C TYR B 149 -11.25 7.93 8.03
N ALA B 150 -10.15 7.77 8.78
CA ALA B 150 -9.72 6.49 9.34
C ALA B 150 -10.58 6.15 10.55
N ASN B 151 -11.11 4.92 10.62
CA ASN B 151 -11.89 4.49 11.78
C ASN B 151 -11.00 3.97 12.89
N ASN B 152 -9.74 3.62 12.55
CA ASN B 152 -8.79 3.04 13.49
C ASN B 152 -7.34 3.44 13.18
N ASP B 153 -6.46 3.24 14.18
CA ASP B 153 -5.02 3.43 14.04
C ASP B 153 -4.44 2.37 13.11
N VAL B 154 -3.38 2.72 12.38
CA VAL B 154 -2.65 1.80 11.51
C VAL B 154 -1.20 1.80 11.98
N VAL B 155 -0.69 0.63 12.33
CA VAL B 155 0.67 0.48 12.82
C VAL B 155 1.58 -0.07 11.73
N VAL B 156 2.75 0.57 11.56
CA VAL B 156 3.81 0.11 10.68
C VAL B 156 4.88 -0.48 11.62
N PRO B 157 5.03 -1.82 11.71
CA PRO B 157 6.03 -2.40 12.61
C PRO B 157 7.47 -1.92 12.37
N THR B 158 8.25 -1.87 13.45
CA THR B 158 9.65 -1.45 13.45
C THR B 158 10.56 -2.60 13.87
N PHE C 1 -25.74 -18.34 12.12
CA PHE C 1 -24.51 -18.81 11.51
C PHE C 1 -23.44 -19.07 12.58
N ALA C 2 -22.86 -20.27 12.57
CA ALA C 2 -21.80 -20.68 13.51
C ALA C 2 -20.90 -21.70 12.83
N CYS C 3 -19.67 -21.85 13.35
CA CYS C 3 -18.65 -22.75 12.81
C CYS C 3 -18.02 -23.62 13.89
N LYS C 4 -17.26 -24.64 13.46
CA LYS C 4 -16.50 -25.50 14.36
C LYS C 4 -15.29 -26.08 13.62
N THR C 5 -14.22 -26.34 14.39
CA THR C 5 -13.03 -27.06 13.94
C THR C 5 -13.34 -28.53 14.15
N ALA C 6 -12.80 -29.42 13.30
CA ALA C 6 -13.00 -30.85 13.47
C ALA C 6 -12.21 -31.32 14.69
N ASN C 7 -12.92 -31.87 15.69
CA ASN C 7 -12.40 -32.41 16.96
C ASN C 7 -11.82 -31.32 17.93
N GLY C 8 -12.15 -30.06 17.66
CA GLY C 8 -11.73 -28.94 18.50
C GLY C 8 -12.89 -28.08 18.97
N THR C 9 -12.63 -26.78 19.17
CA THR C 9 -13.64 -25.84 19.67
C THR C 9 -14.53 -25.28 18.54
N ALA C 10 -15.60 -24.59 18.96
CA ALA C 10 -16.57 -23.94 18.08
C ALA C 10 -16.52 -22.43 18.24
N ILE C 11 -17.02 -21.72 17.22
CA ILE C 11 -17.18 -20.29 17.21
C ILE C 11 -18.69 -20.03 17.04
N PRO C 12 -19.34 -19.43 18.05
CA PRO C 12 -20.80 -19.24 17.96
C PRO C 12 -21.24 -18.04 17.12
N ILE C 13 -22.56 -17.80 17.11
CA ILE C 13 -23.21 -16.66 16.46
C ILE C 13 -22.53 -15.37 16.97
N GLY C 14 -22.20 -14.49 16.04
CA GLY C 14 -21.53 -13.23 16.35
C GLY C 14 -20.03 -13.26 16.18
N GLY C 15 -19.48 -14.45 15.88
CA GLY C 15 -18.06 -14.64 15.64
C GLY C 15 -17.20 -14.81 16.87
N GLY C 16 -15.89 -14.77 16.64
CA GLY C 16 -14.87 -14.97 17.66
C GLY C 16 -13.67 -15.66 17.06
N SER C 17 -12.95 -16.46 17.86
CA SER C 17 -11.73 -17.14 17.41
C SER C 17 -11.62 -18.60 17.89
N ALA C 18 -10.83 -19.40 17.15
CA ALA C 18 -10.54 -20.81 17.47
C ALA C 18 -9.19 -21.25 16.90
N ASN C 19 -8.54 -22.22 17.57
CA ASN C 19 -7.28 -22.77 17.12
C ASN C 19 -7.55 -24.02 16.30
N VAL C 20 -6.79 -24.15 15.21
CA VAL C 20 -6.85 -25.28 14.28
C VAL C 20 -5.45 -25.88 14.23
N TYR C 21 -5.32 -27.15 14.58
CA TYR C 21 -4.04 -27.85 14.55
C TYR C 21 -4.04 -28.75 13.32
N VAL C 22 -3.08 -28.51 12.42
CA VAL C 22 -3.05 -29.23 11.15
C VAL C 22 -1.83 -30.14 10.99
N ASN C 23 -2.07 -31.34 10.43
CA ASN C 23 -1.01 -32.28 10.11
C ASN C 23 -0.43 -31.84 8.78
N LEU C 24 0.89 -31.80 8.68
CA LEU C 24 1.56 -31.35 7.46
C LEU C 24 2.49 -32.39 6.90
N ALA C 25 2.68 -32.40 5.57
CA ALA C 25 3.62 -33.31 4.92
C ALA C 25 4.99 -33.13 5.59
N PRO C 26 5.62 -34.22 6.08
CA PRO C 26 6.88 -34.05 6.83
C PRO C 26 8.08 -33.57 6.00
N VAL C 27 8.06 -33.81 4.68
CA VAL C 27 9.16 -33.45 3.79
C VAL C 27 8.63 -32.70 2.55
N VAL C 28 9.17 -31.50 2.28
CA VAL C 28 8.78 -30.69 1.12
C VAL C 28 10.03 -30.17 0.43
N ASN C 29 10.28 -30.61 -0.79
CA ASN C 29 11.42 -30.13 -1.54
C ASN C 29 11.10 -28.80 -2.20
N VAL C 30 12.14 -28.01 -2.52
CA VAL C 30 11.98 -26.75 -3.26
C VAL C 30 11.36 -27.14 -4.60
N GLY C 31 10.35 -26.40 -5.02
CA GLY C 31 9.63 -26.69 -6.26
C GLY C 31 8.39 -27.55 -6.08
N GLN C 32 8.14 -28.03 -4.85
CA GLN C 32 6.95 -28.84 -4.53
C GLN C 32 6.01 -28.03 -3.66
N ASN C 33 4.73 -28.41 -3.63
CA ASN C 33 3.74 -27.72 -2.80
C ASN C 33 3.42 -28.46 -1.54
N LEU C 34 3.37 -27.70 -0.44
CA LEU C 34 2.89 -28.11 0.85
C LEU C 34 1.44 -27.68 0.85
N VAL C 35 0.51 -28.65 0.88
CA VAL C 35 -0.93 -28.35 0.83
C VAL C 35 -1.49 -28.35 2.25
N VAL C 36 -2.14 -27.23 2.64
CA VAL C 36 -2.78 -27.08 3.94
C VAL C 36 -4.27 -26.96 3.64
N ASP C 37 -4.98 -28.09 3.60
CA ASP C 37 -6.40 -28.12 3.27
C ASP C 37 -7.27 -27.94 4.51
N LEU C 38 -7.81 -26.73 4.67
CA LEU C 38 -8.67 -26.39 5.81
C LEU C 38 -10.12 -26.86 5.62
N SER C 39 -10.51 -27.29 4.38
CA SER C 39 -11.87 -27.77 4.08
C SER C 39 -12.22 -29.05 4.86
N THR C 40 -11.20 -29.79 5.34
CA THR C 40 -11.42 -31.01 6.12
C THR C 40 -11.38 -30.68 7.63
N GLN C 41 -11.09 -29.41 7.96
CA GLN C 41 -10.88 -28.94 9.33
C GLN C 41 -11.90 -27.91 9.83
N ILE C 42 -12.42 -27.05 8.95
CA ILE C 42 -13.34 -25.96 9.36
C ILE C 42 -14.68 -26.15 8.67
N PHE C 43 -15.76 -26.16 9.48
CA PHE C 43 -17.13 -26.40 9.03
C PHE C 43 -18.09 -25.35 9.57
N CYS C 44 -19.02 -24.86 8.73
CA CYS C 44 -19.99 -23.80 9.08
C CYS C 44 -21.39 -24.22 8.73
N HIS C 45 -22.38 -23.54 9.32
CA HIS C 45 -23.78 -23.77 9.01
C HIS C 45 -24.60 -22.50 9.19
N ASN C 46 -25.72 -22.42 8.45
CA ASN C 46 -26.72 -21.36 8.51
C ASN C 46 -27.75 -21.79 9.56
N ASP C 47 -28.06 -20.92 10.53
CA ASP C 47 -29.00 -21.32 11.57
C ASP C 47 -30.50 -21.20 11.19
N TYR C 48 -30.86 -20.36 10.20
CA TYR C 48 -32.27 -20.17 9.79
C TYR C 48 -32.32 -20.14 8.25
N PRO C 49 -32.03 -21.27 7.56
CA PRO C 49 -31.94 -21.23 6.09
C PRO C 49 -33.25 -20.94 5.35
N GLU C 50 -34.41 -21.10 6.00
CA GLU C 50 -35.73 -20.80 5.39
C GLU C 50 -35.94 -19.29 5.30
N THR C 51 -35.34 -18.54 6.24
CA THR C 51 -35.51 -17.10 6.44
C THR C 51 -34.33 -16.25 5.94
N ILE C 52 -33.10 -16.77 6.09
CA ILE C 52 -31.88 -16.04 5.78
C ILE C 52 -30.92 -16.83 4.92
N THR C 53 -30.20 -16.13 4.02
CA THR C 53 -29.09 -16.64 3.21
C THR C 53 -27.82 -16.02 3.78
N ASP C 54 -26.83 -16.84 4.11
CA ASP C 54 -25.57 -16.35 4.67
C ASP C 54 -24.51 -16.31 3.59
N TYR C 55 -23.66 -15.26 3.63
CA TYR C 55 -22.57 -15.03 2.69
C TYR C 55 -21.26 -15.05 3.46
N VAL C 56 -20.30 -15.83 2.96
CA VAL C 56 -19.02 -16.05 3.63
C VAL C 56 -17.84 -15.83 2.68
N THR C 57 -16.89 -15.00 3.12
CA THR C 57 -15.67 -14.71 2.39
C THR C 57 -14.45 -15.05 3.23
N LEU C 58 -13.30 -15.14 2.57
CA LEU C 58 -12.02 -15.15 3.23
C LEU C 58 -11.63 -13.67 3.19
N GLN C 59 -11.84 -12.96 4.30
CA GLN C 59 -11.58 -11.51 4.34
C GLN C 59 -10.08 -11.23 4.23
N ARG C 60 -9.27 -12.00 4.98
CA ARG C 60 -7.81 -11.89 4.91
C ARG C 60 -7.14 -13.15 5.48
N GLY C 61 -5.99 -13.44 4.89
CA GLY C 61 -5.12 -14.55 5.24
C GLY C 61 -3.72 -14.03 5.44
N SER C 62 -3.17 -14.22 6.65
CA SER C 62 -1.84 -13.77 7.01
C SER C 62 -0.95 -14.97 7.30
N ALA C 63 0.34 -14.88 6.94
CA ALA C 63 1.31 -15.95 7.19
C ALA C 63 2.18 -15.60 8.40
N TYR C 64 2.56 -16.62 9.19
CA TYR C 64 3.40 -16.46 10.39
C TYR C 64 4.45 -17.57 10.49
N GLY C 65 5.34 -17.42 11.48
CA GLY C 65 6.41 -18.37 11.77
C GLY C 65 7.21 -18.81 10.57
N GLY C 66 7.35 -20.14 10.43
CA GLY C 66 8.09 -20.76 9.34
C GLY C 66 7.49 -20.60 7.96
N VAL C 67 6.15 -20.46 7.86
CA VAL C 67 5.44 -20.26 6.59
C VAL C 67 5.81 -18.88 6.04
N LEU C 68 5.73 -17.82 6.88
CA LEU C 68 6.12 -16.48 6.48
C LEU C 68 7.60 -16.43 6.08
N SER C 69 8.46 -17.07 6.88
CA SER C 69 9.91 -17.05 6.69
C SER C 69 10.43 -17.87 5.51
N ASN C 70 9.90 -19.10 5.32
CA ASN C 70 10.46 -20.06 4.37
C ASN C 70 9.60 -20.46 3.19
N PHE C 71 8.39 -19.88 3.04
CA PHE C 71 7.51 -20.27 1.95
C PHE C 71 6.90 -19.08 1.23
N SER C 72 6.60 -19.30 -0.06
CA SER C 72 5.88 -18.43 -0.99
C SER C 72 4.55 -19.14 -1.21
N GLY C 73 3.46 -18.43 -1.43
CA GLY C 73 2.20 -19.15 -1.56
C GLY C 73 1.01 -18.59 -2.29
N THR C 74 -0.05 -19.41 -2.29
CA THR C 74 -1.35 -19.22 -2.92
C THR C 74 -2.43 -19.76 -1.98
N VAL C 75 -3.61 -19.12 -2.02
CA VAL C 75 -4.79 -19.58 -1.30
C VAL C 75 -5.89 -19.88 -2.33
N LYS C 76 -6.44 -21.10 -2.26
CA LYS C 76 -7.56 -21.51 -3.11
C LYS C 76 -8.83 -21.37 -2.29
N TYR C 77 -9.77 -20.52 -2.75
CA TYR C 77 -11.05 -20.32 -2.08
C TYR C 77 -12.17 -20.62 -3.06
N SER C 78 -12.93 -21.68 -2.77
CA SER C 78 -14.05 -22.18 -3.56
C SER C 78 -13.70 -22.30 -5.06
N GLY C 79 -12.59 -22.99 -5.34
CA GLY C 79 -12.14 -23.27 -6.70
C GLY C 79 -11.32 -22.19 -7.41
N SER C 80 -11.11 -21.02 -6.78
CA SER C 80 -10.33 -19.93 -7.38
C SER C 80 -9.08 -19.66 -6.55
N SER C 81 -7.97 -19.28 -7.23
CA SER C 81 -6.68 -19.01 -6.58
C SER C 81 -6.40 -17.52 -6.43
N TYR C 82 -5.78 -17.17 -5.30
CA TYR C 82 -5.41 -15.79 -4.94
C TYR C 82 -4.05 -15.78 -4.26
N PRO C 83 -3.31 -14.63 -4.25
CA PRO C 83 -2.03 -14.62 -3.51
C PRO C 83 -2.23 -14.84 -2.02
N PHE C 84 -1.22 -15.43 -1.36
CA PHE C 84 -1.22 -15.65 0.08
C PHE C 84 0.17 -15.30 0.64
N PRO C 85 0.34 -14.35 1.62
CA PRO C 85 -0.68 -13.53 2.30
C PRO C 85 -1.59 -12.79 1.31
N THR C 86 -2.87 -12.64 1.68
CA THR C 86 -3.91 -12.06 0.83
C THR C 86 -3.77 -10.54 0.64
N THR C 87 -4.20 -10.08 -0.54
CA THR C 87 -4.15 -8.66 -0.95
C THR C 87 -5.55 -8.06 -1.12
N SER C 88 -6.62 -8.89 -1.00
CA SER C 88 -8.02 -8.47 -1.10
C SER C 88 -8.96 -9.52 -0.53
N GLU C 89 -10.18 -9.10 -0.19
CA GLU C 89 -11.24 -9.98 0.28
C GLU C 89 -11.74 -10.78 -0.94
N THR C 90 -11.96 -12.09 -0.76
CA THR C 90 -12.47 -12.96 -1.83
C THR C 90 -13.95 -12.71 -2.13
N PRO C 91 -14.52 -13.28 -3.24
CA PRO C 91 -15.98 -13.21 -3.41
C PRO C 91 -16.66 -14.12 -2.37
N ARG C 92 -17.98 -14.00 -2.26
CA ARG C 92 -18.79 -14.71 -1.28
C ARG C 92 -19.14 -16.14 -1.68
N VAL C 93 -19.27 -17.01 -0.65
CA VAL C 93 -19.76 -18.38 -0.73
C VAL C 93 -21.10 -18.37 0.00
N VAL C 94 -22.12 -19.01 -0.59
CA VAL C 94 -23.46 -19.07 0.00
C VAL C 94 -23.55 -20.26 0.98
N TYR C 95 -24.08 -20.00 2.20
CA TYR C 95 -24.38 -21.01 3.22
C TYR C 95 -25.90 -20.98 3.39
N ASN C 96 -26.58 -22.05 2.99
CA ASN C 96 -28.04 -22.13 2.99
C ASN C 96 -28.56 -23.43 3.62
N SER C 97 -27.80 -24.01 4.55
CA SER C 97 -28.19 -25.26 5.20
C SER C 97 -27.75 -25.30 6.66
N ARG C 98 -28.56 -25.99 7.50
CA ARG C 98 -28.28 -26.20 8.92
C ARG C 98 -27.19 -27.25 9.11
N THR C 99 -26.92 -28.07 8.08
CA THR C 99 -25.87 -29.08 8.09
C THR C 99 -24.51 -28.38 7.96
N ASP C 100 -23.55 -28.71 8.86
CA ASP C 100 -22.20 -28.13 8.83
C ASP C 100 -21.53 -28.54 7.51
N LYS C 101 -21.16 -27.53 6.71
CA LYS C 101 -20.56 -27.64 5.38
C LYS C 101 -19.11 -27.11 5.45
N PRO C 102 -18.15 -27.71 4.71
CA PRO C 102 -16.76 -27.23 4.79
C PRO C 102 -16.55 -25.78 4.35
N TRP C 103 -15.59 -25.10 5.00
CA TRP C 103 -15.16 -23.78 4.58
C TRP C 103 -14.13 -24.04 3.48
N PRO C 104 -14.40 -23.71 2.20
CA PRO C 104 -13.51 -24.18 1.11
C PRO C 104 -12.19 -23.42 0.93
N VAL C 105 -11.31 -23.52 1.94
CA VAL C 105 -9.99 -22.88 1.96
C VAL C 105 -8.89 -23.95 1.96
N ALA C 106 -7.86 -23.74 1.12
CA ALA C 106 -6.67 -24.56 1.05
C ALA C 106 -5.46 -23.69 0.68
N LEU C 107 -4.37 -23.83 1.45
CA LEU C 107 -3.13 -23.09 1.20
C LEU C 107 -2.18 -23.97 0.41
N TYR C 108 -1.53 -23.38 -0.61
CA TYR C 108 -0.55 -24.03 -1.48
C TYR C 108 0.73 -23.27 -1.29
N LEU C 109 1.63 -23.86 -0.49
CA LEU C 109 2.88 -23.24 -0.09
C LEU C 109 4.07 -23.96 -0.68
N THR C 110 5.04 -23.19 -1.22
CA THR C 110 6.24 -23.76 -1.82
C THR C 110 7.51 -23.14 -1.16
N PRO C 111 8.57 -23.94 -0.86
CA PRO C 111 9.74 -23.37 -0.19
C PRO C 111 10.46 -22.31 -1.03
N VAL C 112 10.95 -21.26 -0.36
CA VAL C 112 11.74 -20.22 -1.00
C VAL C 112 13.13 -20.83 -1.25
N SER C 113 13.93 -20.29 -2.18
CA SER C 113 15.25 -20.84 -2.52
C SER C 113 16.21 -20.95 -1.30
N SER C 114 16.10 -20.01 -0.34
CA SER C 114 16.94 -19.99 0.87
C SER C 114 16.52 -21.04 1.93
N ALA C 115 15.32 -21.65 1.79
CA ALA C 115 14.81 -22.64 2.77
C ALA C 115 15.61 -23.94 2.75
N GLY C 116 15.82 -24.47 3.95
CA GLY C 116 16.56 -25.70 4.18
C GLY C 116 16.54 -26.10 5.64
N GLY C 117 16.36 -27.39 5.88
CA GLY C 117 16.26 -27.93 7.23
C GLY C 117 14.84 -27.85 7.76
N VAL C 118 14.68 -27.63 9.08
CA VAL C 118 13.36 -27.53 9.71
C VAL C 118 12.78 -26.15 9.33
N ALA C 119 11.90 -26.14 8.30
CA ALA C 119 11.29 -24.92 7.76
C ALA C 119 10.02 -24.50 8.54
N ILE C 120 9.31 -25.46 9.16
CA ILE C 120 8.13 -25.24 10.00
C ILE C 120 8.31 -26.05 11.28
N LYS C 121 8.14 -25.42 12.45
CA LYS C 121 8.28 -26.10 13.73
C LYS C 121 6.94 -26.59 14.24
N ALA C 122 6.92 -27.81 14.81
CA ALA C 122 5.73 -28.39 15.45
C ALA C 122 5.24 -27.42 16.55
N GLY C 123 3.93 -27.17 16.59
CA GLY C 123 3.30 -26.30 17.58
C GLY C 123 3.33 -24.80 17.30
N SER C 124 3.99 -24.39 16.20
CA SER C 124 4.08 -22.96 15.85
C SER C 124 2.85 -22.47 15.10
N LEU C 125 2.59 -21.16 15.21
CA LEU C 125 1.52 -20.49 14.47
C LEU C 125 2.03 -20.27 13.07
N ILE C 126 1.31 -20.78 12.06
CA ILE C 126 1.77 -20.63 10.68
C ILE C 126 0.85 -19.71 9.85
N ALA C 127 -0.41 -19.49 10.30
CA ALA C 127 -1.37 -18.63 9.58
C ALA C 127 -2.53 -18.20 10.45
N VAL C 128 -3.14 -17.06 10.07
CA VAL C 128 -4.38 -16.53 10.66
C VAL C 128 -5.30 -16.27 9.48
N LEU C 129 -6.45 -16.95 9.45
CA LEU C 129 -7.43 -16.80 8.39
C LEU C 129 -8.72 -16.22 8.96
N ILE C 130 -9.16 -15.10 8.38
CA ILE C 130 -10.36 -14.41 8.83
C ILE C 130 -11.52 -14.70 7.90
N LEU C 131 -12.53 -15.39 8.43
CA LEU C 131 -13.78 -15.70 7.76
C LEU C 131 -14.72 -14.53 8.06
N ARG C 132 -15.23 -13.86 7.03
CA ARG C 132 -16.18 -12.77 7.25
C ARG C 132 -17.57 -13.23 6.80
N GLN C 133 -18.53 -13.13 7.71
CA GLN C 133 -19.91 -13.57 7.45
C GLN C 133 -20.89 -12.41 7.51
N THR C 134 -21.69 -12.30 6.44
CA THR C 134 -22.78 -11.35 6.28
C THR C 134 -24.02 -12.13 5.85
N ASN C 135 -25.13 -11.45 5.54
CA ASN C 135 -26.36 -12.11 5.12
C ASN C 135 -27.24 -11.19 4.24
N ASN C 136 -28.42 -11.67 3.81
CA ASN C 136 -29.39 -10.93 3.00
C ASN C 136 -30.61 -10.52 3.87
N TYR C 137 -30.39 -10.45 5.20
CA TYR C 137 -31.47 -10.24 6.17
C TYR C 137 -31.37 -8.92 6.95
N ASN C 138 -30.20 -8.62 7.52
CA ASN C 138 -29.96 -7.40 8.29
C ASN C 138 -28.52 -6.90 8.05
N SER C 139 -27.96 -6.10 8.99
CA SER C 139 -26.61 -5.54 8.87
C SER C 139 -25.54 -6.40 9.59
N ASP C 140 -25.88 -7.65 9.98
CA ASP C 140 -24.93 -8.56 10.65
C ASP C 140 -23.67 -8.76 9.81
N ASP C 141 -22.51 -8.50 10.41
CA ASP C 141 -21.20 -8.57 9.77
C ASP C 141 -20.21 -9.04 10.84
N PHE C 142 -19.85 -10.33 10.79
CA PHE C 142 -19.03 -10.96 11.81
C PHE C 142 -17.74 -11.60 11.31
N GLN C 143 -16.70 -11.56 12.15
CA GLN C 143 -15.41 -12.18 11.87
C GLN C 143 -15.22 -13.44 12.70
N PHE C 144 -14.89 -14.53 12.01
CA PHE C 144 -14.58 -15.84 12.57
C PHE C 144 -13.08 -16.01 12.30
N VAL C 145 -12.27 -15.90 13.36
CA VAL C 145 -10.81 -15.90 13.27
C VAL C 145 -10.25 -17.30 13.55
N TRP C 146 -9.57 -17.87 12.55
CA TRP C 146 -8.99 -19.21 12.62
C TRP C 146 -7.45 -19.14 12.74
N ASN C 147 -6.93 -19.54 13.91
CA ASN C 147 -5.49 -19.57 14.17
C ASN C 147 -4.97 -20.95 13.81
N ILE C 148 -4.15 -21.03 12.75
CA ILE C 148 -3.65 -22.30 12.22
C ILE C 148 -2.26 -22.62 12.78
N TYR C 149 -2.17 -23.77 13.45
CA TYR C 149 -0.95 -24.28 14.07
C TYR C 149 -0.48 -25.57 13.43
N ALA C 150 0.84 -25.71 13.26
CA ALA C 150 1.46 -26.92 12.73
C ALA C 150 1.45 -28.01 13.80
N ASN C 151 1.03 -29.24 13.47
CA ASN C 151 1.05 -30.35 14.42
C ASN C 151 2.40 -31.04 14.44
N ASN C 152 3.20 -30.82 13.38
CA ASN C 152 4.51 -31.46 13.22
C ASN C 152 5.50 -30.57 12.48
N ASP C 153 6.79 -30.93 12.58
CA ASP C 153 7.88 -30.28 11.88
C ASP C 153 7.79 -30.54 10.39
N VAL C 154 8.25 -29.60 9.57
CA VAL C 154 8.31 -29.75 8.12
C VAL C 154 9.75 -29.51 7.71
N VAL C 155 10.36 -30.51 7.08
CA VAL C 155 11.75 -30.43 6.65
C VAL C 155 11.83 -30.15 5.15
N VAL C 156 12.68 -29.19 4.79
CA VAL C 156 13.00 -28.86 3.40
C VAL C 156 14.41 -29.44 3.16
N PRO C 157 14.56 -30.57 2.42
CA PRO C 157 15.91 -31.15 2.23
C PRO C 157 16.91 -30.21 1.55
N THR C 158 18.18 -30.36 1.91
CA THR C 158 19.33 -29.59 1.40
C THR C 158 20.30 -30.52 0.71
#